data_1Y1M
#
_entry.id   1Y1M
#
_cell.length_a   53.156
_cell.length_b   53.203
_cell.length_c   67.546
_cell.angle_alpha   110.12
_cell.angle_beta   91.55
_cell.angle_gamma   108.69
#
_symmetry.space_group_name_H-M   'P 1'
#
loop_
_entity.id
_entity.type
_entity.pdbx_description
1 polymer 'Glutamate [NMDA] receptor subunit zeta 1'
2 non-polymer '1-AMINOCYCLOPENTANECARBOXYLIC ACID'
3 water water
#
_entity_poly.entity_id   1
_entity_poly.type   'polypeptide(L)'
_entity_poly.pdbx_seq_one_letter_code
;GMSTRLKIVTIHQEPFVYVKPTMSDGTCKEEFTVNGDPVKKVICTGPNDTSPGSPRHTVPQCCYGFCIDLLIKLARTMNF
TYEVHLVADGKFGTQERVNNSNKKEWNGMMGELLSGQADMIVAPLTINNERAQYIEFSKPFKYQGLTILVKKGTRITGIN
DPRLRNPSDKFIYATVKQSSVDIYFRRQVELSTMYRHMEKHNYESAAEAIQAVRDNKLHAFIWDSAVLEFEASQKCDLVT
TGELFFRSGFGIGMRKDSPWKQNVSLSILKSHENGFMEDLDKTWVRYQECDS
;
_entity_poly.pdbx_strand_id   A,B
#
# COMPACT_ATOMS: atom_id res chain seq x y z
N ARG A 5 -16.46 20.30 16.38
CA ARG A 5 -14.99 20.57 16.47
C ARG A 5 -14.32 19.24 16.82
N LEU A 6 -13.82 18.56 15.81
CA LEU A 6 -13.19 17.25 16.00
C LEU A 6 -11.88 17.31 16.78
N LYS A 7 -11.70 16.36 17.69
CA LYS A 7 -10.46 16.28 18.46
C LYS A 7 -9.49 15.41 17.67
N ILE A 8 -8.43 16.02 17.16
CA ILE A 8 -7.42 15.30 16.40
C ILE A 8 -6.22 15.01 17.27
N VAL A 9 -5.77 13.76 17.30
CA VAL A 9 -4.58 13.42 18.09
C VAL A 9 -3.50 13.05 17.11
N THR A 10 -2.28 13.50 17.37
CA THR A 10 -1.17 13.19 16.49
C THR A 10 0.08 12.96 17.33
N ILE A 11 1.22 12.82 16.68
CA ILE A 11 2.45 12.57 17.43
C ILE A 11 3.64 13.13 16.65
N HIS A 12 4.72 13.43 17.36
CA HIS A 12 5.91 13.97 16.72
C HIS A 12 6.56 12.87 15.88
N GLN A 13 6.72 13.13 14.59
CA GLN A 13 7.36 12.15 13.70
C GLN A 13 7.66 12.81 12.36
N GLU A 14 8.83 13.42 12.25
CA GLU A 14 9.21 14.08 11.00
C GLU A 14 9.30 13.03 9.90
N PRO A 15 8.97 13.42 8.65
CA PRO A 15 8.53 14.74 8.19
C PRO A 15 7.01 14.87 8.19
N PHE A 16 6.33 13.92 8.83
CA PHE A 16 4.87 13.94 8.87
C PHE A 16 4.32 14.97 9.85
N VAL A 17 4.95 15.08 11.01
CA VAL A 17 4.54 16.05 12.00
C VAL A 17 5.75 16.60 12.75
N TYR A 18 6.06 17.88 12.50
CA TYR A 18 7.15 18.55 13.20
C TYR A 18 6.50 19.22 14.41
N VAL A 19 7.23 19.35 15.50
CA VAL A 19 6.70 19.99 16.69
C VAL A 19 7.72 21.02 17.17
N LYS A 20 7.31 22.29 17.21
CA LYS A 20 8.20 23.37 17.64
C LYS A 20 7.47 24.30 18.60
N PRO A 21 8.23 25.06 19.41
CA PRO A 21 7.62 25.99 20.38
C PRO A 21 7.01 27.18 19.66
N THR A 22 6.00 27.80 20.28
CA THR A 22 5.40 28.99 19.71
C THR A 22 6.32 30.14 20.08
N MET A 23 6.17 31.27 19.40
CA MET A 23 7.00 32.43 19.70
C MET A 23 6.52 33.05 21.01
N SER A 24 7.23 34.07 21.48
CA SER A 24 6.87 34.74 22.74
C SER A 24 5.44 35.26 22.76
N ASP A 25 4.89 35.61 21.61
CA ASP A 25 3.52 36.12 21.56
C ASP A 25 2.50 35.00 21.39
N GLY A 26 2.98 33.77 21.41
CA GLY A 26 2.09 32.61 21.30
C GLY A 26 1.73 32.16 19.90
N THR A 27 2.31 32.77 18.88
CA THR A 27 2.02 32.40 17.50
C THR A 27 3.12 31.49 16.94
N CYS A 28 2.92 30.99 15.74
CA CYS A 28 3.92 30.14 15.11
C CYS A 28 4.70 30.98 14.12
N LYS A 29 6.02 30.89 14.18
CA LYS A 29 6.89 31.66 13.30
C LYS A 29 6.51 31.51 11.84
N GLU A 30 6.40 32.64 11.15
CA GLU A 30 6.07 32.65 9.73
C GLU A 30 7.27 32.13 8.95
N GLU A 31 7.11 30.99 8.29
CA GLU A 31 8.21 30.42 7.50
C GLU A 31 7.76 30.07 6.10
N PHE A 32 8.74 29.90 5.21
CA PHE A 32 8.45 29.56 3.83
C PHE A 32 9.33 28.41 3.37
N THR A 33 8.87 27.70 2.34
CA THR A 33 9.64 26.57 1.80
C THR A 33 10.80 27.16 1.00
N VAL A 34 11.70 26.30 0.54
CA VAL A 34 12.84 26.77 -0.24
C VAL A 34 12.41 27.46 -1.54
N ASN A 35 11.17 27.26 -1.96
CA ASN A 35 10.68 27.91 -3.18
C ASN A 35 9.74 29.08 -2.91
N GLY A 36 9.75 29.56 -1.67
CA GLY A 36 8.92 30.71 -1.30
C GLY A 36 7.48 30.45 -0.93
N ASP A 37 7.07 29.19 -0.87
CA ASP A 37 5.68 28.87 -0.52
C ASP A 37 5.51 28.93 1.00
N PRO A 38 4.41 29.51 1.47
CA PRO A 38 4.20 29.60 2.92
C PRO A 38 4.05 28.22 3.56
N VAL A 39 4.64 28.03 4.73
CA VAL A 39 4.53 26.76 5.44
C VAL A 39 3.29 26.84 6.33
N LYS A 40 2.32 25.95 6.09
CA LYS A 40 1.10 25.97 6.90
C LYS A 40 1.37 25.32 8.25
N LYS A 41 0.90 25.97 9.32
CA LYS A 41 1.10 25.45 10.66
C LYS A 41 -0.17 25.55 11.48
N VAL A 42 -0.34 24.61 12.40
CA VAL A 42 -1.51 24.60 13.28
C VAL A 42 -1.02 24.52 14.72
N ILE A 43 -1.79 25.10 15.64
CA ILE A 43 -1.42 25.02 17.05
C ILE A 43 -1.86 23.65 17.56
N CYS A 44 -0.94 22.97 18.24
CA CYS A 44 -1.23 21.67 18.79
C CYS A 44 -0.79 21.66 20.25
N THR A 45 -1.72 21.38 21.15
CA THR A 45 -1.41 21.34 22.57
C THR A 45 -0.85 19.97 22.92
N GLY A 46 -0.08 19.90 23.99
CA GLY A 46 0.48 18.62 24.40
C GLY A 46 1.63 18.76 25.38
N PRO A 47 2.31 17.65 25.71
CA PRO A 47 3.43 17.61 26.65
C PRO A 47 4.44 18.75 26.42
N THR A 58 1.31 20.68 29.86
CA THR A 58 0.68 20.79 28.54
C THR A 58 0.60 22.25 28.11
N VAL A 59 1.18 22.56 26.94
CA VAL A 59 1.17 23.92 26.43
C VAL A 59 0.99 23.93 24.92
N PRO A 60 0.48 25.05 24.37
CA PRO A 60 0.29 25.14 22.92
C PRO A 60 1.63 25.13 22.21
N GLN A 61 1.74 24.32 21.16
CA GLN A 61 2.97 24.21 20.39
C GLN A 61 2.63 24.33 18.91
N CYS A 62 3.65 24.37 18.06
CA CYS A 62 3.42 24.50 16.62
C CYS A 62 3.66 23.17 15.91
N CYS A 63 2.67 22.75 15.13
CA CYS A 63 2.75 21.50 14.39
C CYS A 63 2.63 21.76 12.89
N TYR A 64 3.40 21.02 12.10
CA TYR A 64 3.34 21.15 10.65
C TYR A 64 3.98 19.94 10.01
N GLY A 65 3.76 19.76 8.71
CA GLY A 65 4.33 18.60 8.03
C GLY A 65 3.32 17.92 7.12
N PHE A 66 3.72 16.78 6.55
CA PHE A 66 2.87 16.01 5.64
C PHE A 66 1.46 15.75 6.20
N CYS A 67 1.37 15.24 7.43
CA CYS A 67 0.07 14.95 8.02
C CYS A 67 -0.76 16.18 8.34
N ILE A 68 -0.10 17.29 8.67
CA ILE A 68 -0.83 18.52 8.98
C ILE A 68 -1.40 19.11 7.70
N ASP A 69 -0.61 19.07 6.63
CA ASP A 69 -1.07 19.55 5.33
C ASP A 69 -2.27 18.69 4.93
N LEU A 70 -2.18 17.39 5.19
CA LEU A 70 -3.28 16.49 4.85
C LEU A 70 -4.52 16.83 5.67
N LEU A 71 -4.33 17.06 6.97
CA LEU A 71 -5.44 17.40 7.85
C LEU A 71 -6.13 18.68 7.39
N ILE A 72 -5.33 19.69 7.03
CA ILE A 72 -5.87 20.96 6.58
C ILE A 72 -6.72 20.77 5.32
N LYS A 73 -6.24 19.93 4.41
CA LYS A 73 -6.94 19.64 3.17
C LYS A 73 -8.27 18.92 3.45
N LEU A 74 -8.24 17.94 4.36
CA LEU A 74 -9.44 17.19 4.71
C LEU A 74 -10.50 18.05 5.37
N ALA A 75 -10.06 18.90 6.31
CA ALA A 75 -10.96 19.79 7.04
C ALA A 75 -11.66 20.76 6.08
N ARG A 76 -10.91 21.24 5.09
CA ARG A 76 -11.44 22.19 4.12
C ARG A 76 -12.46 21.47 3.23
N THR A 77 -12.03 20.33 2.68
CA THR A 77 -12.85 19.52 1.80
C THR A 77 -14.11 18.97 2.45
N MET A 78 -14.01 18.64 3.74
CA MET A 78 -15.14 18.05 4.46
C MET A 78 -15.88 19.02 5.37
N ASN A 79 -15.55 20.29 5.27
CA ASN A 79 -16.21 21.33 6.06
C ASN A 79 -16.30 21.05 7.55
N PHE A 80 -15.17 20.75 8.19
CA PHE A 80 -15.17 20.52 9.62
C PHE A 80 -14.07 21.32 10.31
N THR A 81 -14.31 21.64 11.57
CA THR A 81 -13.31 22.37 12.35
C THR A 81 -12.67 21.36 13.28
N TYR A 82 -11.52 21.69 13.83
CA TYR A 82 -10.82 20.74 14.68
C TYR A 82 -9.84 21.42 15.63
N GLU A 83 -9.33 20.63 16.57
CA GLU A 83 -8.33 21.09 17.51
C GLU A 83 -7.37 19.91 17.62
N VAL A 84 -6.08 20.21 17.48
CA VAL A 84 -5.06 19.17 17.51
C VAL A 84 -4.26 19.12 18.80
N HIS A 85 -4.02 17.91 19.30
CA HIS A 85 -3.19 17.76 20.48
C HIS A 85 -2.27 16.57 20.27
N LEU A 86 -1.11 16.60 20.92
CA LEU A 86 -0.14 15.53 20.84
C LEU A 86 -0.51 14.46 21.86
N VAL A 87 -0.40 13.20 21.47
CA VAL A 87 -0.75 12.09 22.34
C VAL A 87 -0.08 12.26 23.70
N ALA A 88 -0.87 12.13 24.76
CA ALA A 88 -0.36 12.31 26.13
C ALA A 88 0.83 11.44 26.52
N ASP A 89 0.79 10.15 26.18
CA ASP A 89 1.91 9.26 26.54
C ASP A 89 2.98 9.11 25.48
N GLY A 90 2.88 9.91 24.41
CA GLY A 90 3.87 9.87 23.34
C GLY A 90 4.02 8.54 22.61
N LYS A 91 2.95 7.74 22.57
CA LYS A 91 3.02 6.46 21.88
C LYS A 91 2.01 6.34 20.74
N PHE A 92 2.30 5.46 19.80
CA PHE A 92 1.38 5.22 18.68
C PHE A 92 0.24 4.34 19.17
N GLY A 93 0.59 3.24 19.83
CA GLY A 93 -0.45 2.38 20.36
C GLY A 93 -0.27 0.88 20.19
N THR A 94 -0.16 0.20 21.33
CA THR A 94 -0.03 -1.26 21.35
C THR A 94 -0.88 -1.75 22.51
N GLN A 95 -1.28 -3.01 22.48
CA GLN A 95 -2.08 -3.58 23.56
C GLN A 95 -1.18 -4.13 24.65
N GLU A 96 -1.38 -3.65 25.87
CA GLU A 96 -0.55 -4.09 26.99
C GLU A 96 -1.38 -4.47 28.19
N ARG A 97 -0.85 -5.40 28.99
CA ARG A 97 -1.52 -5.82 30.21
C ARG A 97 -1.27 -4.69 31.21
N VAL A 98 -2.33 -4.16 31.80
CA VAL A 98 -2.18 -3.07 32.75
C VAL A 98 -2.76 -3.37 34.13
N ASN A 99 -3.37 -4.54 34.27
CA ASN A 99 -3.96 -4.93 35.56
C ASN A 99 -4.01 -6.45 35.67
N ASN A 100 -4.62 -6.94 36.74
CA ASN A 100 -4.73 -8.38 36.95
C ASN A 100 -5.81 -9.03 36.08
N SER A 101 -6.64 -8.24 35.42
CA SER A 101 -7.69 -8.79 34.58
C SER A 101 -7.08 -9.46 33.34
N ASN A 102 -7.93 -10.09 32.54
CA ASN A 102 -7.48 -10.77 31.34
C ASN A 102 -7.69 -9.89 30.11
N LYS A 103 -8.03 -8.63 30.34
CA LYS A 103 -8.26 -7.71 29.22
C LYS A 103 -7.19 -6.63 29.10
N LYS A 104 -6.36 -6.75 28.09
CA LYS A 104 -5.30 -5.77 27.85
C LYS A 104 -5.96 -4.45 27.47
N GLU A 105 -5.19 -3.36 27.51
CA GLU A 105 -5.71 -2.04 27.17
C GLU A 105 -4.77 -1.36 26.19
N TRP A 106 -5.33 -0.61 25.25
CA TRP A 106 -4.52 0.09 24.26
C TRP A 106 -3.96 1.37 24.88
N ASN A 107 -2.72 1.69 24.55
CA ASN A 107 -2.10 2.91 25.02
C ASN A 107 -1.92 3.81 23.80
N GLY A 108 -1.15 4.87 23.92
CA GLY A 108 -0.93 5.76 22.80
C GLY A 108 -2.19 6.34 22.17
N MET A 109 -2.10 6.65 20.89
CA MET A 109 -3.22 7.23 20.16
C MET A 109 -4.40 6.26 20.03
N MET A 110 -4.12 4.96 19.99
CA MET A 110 -5.17 3.96 19.90
C MET A 110 -6.05 4.08 21.14
N GLY A 111 -5.40 4.20 22.30
CA GLY A 111 -6.13 4.34 23.55
C GLY A 111 -6.97 5.61 23.58
N GLU A 112 -6.39 6.72 23.12
CA GLU A 112 -7.11 7.98 23.13
C GLU A 112 -8.31 7.98 22.19
N LEU A 113 -8.17 7.32 21.03
CA LEU A 113 -9.29 7.25 20.08
C LEU A 113 -10.43 6.43 20.67
N LEU A 114 -10.08 5.30 21.27
CA LEU A 114 -11.09 4.42 21.85
C LEU A 114 -11.79 5.02 23.07
N SER A 115 -11.07 5.87 23.81
CA SER A 115 -11.61 6.50 25.01
C SER A 115 -12.41 7.76 24.72
N GLY A 116 -12.23 8.31 23.53
CA GLY A 116 -12.96 9.52 23.19
C GLY A 116 -12.14 10.78 23.38
N GLN A 117 -10.89 10.63 23.81
CA GLN A 117 -10.01 11.78 23.99
C GLN A 117 -9.66 12.31 22.61
N ALA A 118 -9.85 11.47 21.61
CA ALA A 118 -9.60 11.86 20.23
C ALA A 118 -10.73 11.32 19.36
N ASP A 119 -11.02 12.04 18.27
CA ASP A 119 -12.05 11.63 17.33
C ASP A 119 -11.41 11.03 16.07
N MET A 120 -10.17 11.45 15.81
CA MET A 120 -9.41 10.97 14.66
C MET A 120 -7.93 10.93 14.99
N ILE A 121 -7.24 9.90 14.51
CA ILE A 121 -5.79 9.81 14.70
C ILE A 121 -5.22 10.20 13.35
N VAL A 122 -4.47 11.29 13.32
CA VAL A 122 -3.86 11.76 12.07
C VAL A 122 -2.35 11.71 12.28
N ALA A 123 -1.75 10.59 11.88
CA ALA A 123 -0.32 10.38 12.06
C ALA A 123 0.15 9.23 11.19
N PRO A 124 1.47 9.00 11.12
CA PRO A 124 2.01 7.91 10.30
C PRO A 124 1.76 6.60 11.05
N LEU A 125 0.48 6.24 11.12
CA LEU A 125 0.00 5.06 11.84
C LEU A 125 -0.18 3.85 10.94
N THR A 126 0.58 2.80 11.22
CA THR A 126 0.49 1.58 10.42
C THR A 126 -0.83 0.84 10.55
N ILE A 127 -1.46 0.55 9.41
CA ILE A 127 -2.70 -0.20 9.41
C ILE A 127 -2.30 -1.67 9.58
N ASN A 128 -2.60 -2.26 10.73
CA ASN A 128 -2.27 -3.66 10.95
C ASN A 128 -3.45 -4.43 11.50
N ASN A 129 -3.32 -5.75 11.52
CA ASN A 129 -4.39 -6.63 11.98
C ASN A 129 -4.90 -6.37 13.38
N GLU A 130 -4.00 -6.27 14.35
CA GLU A 130 -4.42 -6.05 15.74
C GLU A 130 -5.24 -4.77 15.94
N ARG A 131 -4.78 -3.68 15.34
CA ARG A 131 -5.50 -2.41 15.47
C ARG A 131 -6.83 -2.43 14.72
N ALA A 132 -6.84 -3.09 13.56
CA ALA A 132 -8.05 -3.18 12.75
C ALA A 132 -9.16 -3.94 13.47
N GLN A 133 -8.78 -4.71 14.49
CA GLN A 133 -9.76 -5.46 15.26
C GLN A 133 -10.55 -4.54 16.18
N TYR A 134 -9.97 -3.39 16.50
CA TYR A 134 -10.62 -2.44 17.41
C TYR A 134 -11.09 -1.10 16.85
N ILE A 135 -10.42 -0.60 15.82
CA ILE A 135 -10.80 0.66 15.20
C ILE A 135 -10.86 0.46 13.69
N GLU A 136 -11.24 1.50 12.96
CA GLU A 136 -11.29 1.40 11.51
C GLU A 136 -10.35 2.44 10.92
N PHE A 137 -9.87 2.19 9.72
CA PHE A 137 -8.93 3.10 9.06
C PHE A 137 -9.46 3.61 7.73
N SER A 138 -8.99 4.80 7.34
CA SER A 138 -9.35 5.35 6.04
C SER A 138 -8.44 4.61 5.06
N LYS A 139 -8.63 4.86 3.77
CA LYS A 139 -7.78 4.26 2.75
C LYS A 139 -6.41 4.88 3.08
N PRO A 140 -5.30 4.18 2.78
CA PRO A 140 -3.94 4.66 3.06
C PRO A 140 -3.53 5.94 2.35
N PHE A 141 -2.97 6.90 3.11
CA PHE A 141 -2.51 8.15 2.51
C PHE A 141 -1.02 8.02 2.18
N LYS A 142 -0.44 6.90 2.60
CA LYS A 142 0.98 6.61 2.34
C LYS A 142 1.18 5.09 2.26
N TYR A 143 1.89 4.65 1.23
CA TYR A 143 2.20 3.23 1.06
C TYR A 143 3.67 3.11 1.40
N GLN A 144 4.01 2.17 2.27
CA GLN A 144 5.39 2.01 2.67
C GLN A 144 5.62 0.58 3.15
N GLY A 145 6.62 0.43 4.01
CA GLY A 145 6.90 -0.89 4.54
C GLY A 145 8.10 -0.77 5.45
N LEU A 146 8.58 -1.90 5.95
CA LEU A 146 9.75 -1.87 6.82
C LEU A 146 10.99 -1.91 5.93
N THR A 147 12.03 -1.19 6.34
CA THR A 147 13.27 -1.19 5.59
C THR A 147 14.42 -1.15 6.58
N ILE A 148 15.63 -0.98 6.07
CA ILE A 148 16.82 -1.00 6.91
C ILE A 148 17.69 0.24 6.74
N LEU A 149 18.11 0.81 7.87
CA LEU A 149 18.95 2.00 7.88
C LEU A 149 20.35 1.56 8.28
N VAL A 150 21.34 1.89 7.45
CA VAL A 150 22.72 1.53 7.73
C VAL A 150 23.64 2.67 7.36
N LYS A 151 24.92 2.53 7.71
CA LYS A 151 25.89 3.56 7.38
C LYS A 151 26.22 3.47 5.89
N LYS A 152 26.40 4.63 5.26
CA LYS A 152 26.71 4.69 3.83
C LYS A 152 27.82 3.68 3.52
N GLY A 153 27.64 2.91 2.46
CA GLY A 153 28.63 1.92 2.09
C GLY A 153 28.26 0.50 2.48
N THR A 154 27.30 0.36 3.39
CA THR A 154 26.88 -0.97 3.82
C THR A 154 25.75 -1.47 2.93
N ARG A 155 25.81 -2.74 2.56
CA ARG A 155 24.79 -3.32 1.71
C ARG A 155 24.10 -4.54 2.31
N ILE A 156 22.78 -4.43 2.48
CA ILE A 156 21.95 -5.51 3.01
C ILE A 156 20.84 -5.67 1.98
N THR A 157 20.63 -6.89 1.50
CA THR A 157 19.63 -7.18 0.48
C THR A 157 18.18 -7.03 0.93
N GLY A 158 17.93 -7.33 2.21
CA GLY A 158 16.57 -7.24 2.71
C GLY A 158 16.39 -8.18 3.89
N ILE A 159 15.15 -8.60 4.11
CA ILE A 159 14.83 -9.48 5.22
C ILE A 159 15.44 -10.87 5.09
N ASN A 160 15.94 -11.20 3.91
CA ASN A 160 16.54 -12.52 3.69
C ASN A 160 18.06 -12.53 3.71
N ASP A 161 18.67 -11.35 3.89
CA ASP A 161 20.13 -11.25 3.92
C ASP A 161 20.68 -12.14 5.03
N PRO A 162 21.77 -12.89 4.72
CA PRO A 162 22.39 -13.79 5.71
C PRO A 162 22.86 -13.10 7.00
N ARG A 163 23.40 -11.89 6.88
CA ARG A 163 23.86 -11.18 8.07
C ARG A 163 22.71 -10.93 9.03
N LEU A 164 21.48 -11.09 8.54
CA LEU A 164 20.30 -10.92 9.38
C LEU A 164 19.75 -12.26 9.81
N ARG A 165 19.71 -13.22 8.87
CA ARG A 165 19.17 -14.55 9.15
C ARG A 165 20.17 -15.45 9.90
N ASN A 166 21.45 -15.17 9.73
CA ASN A 166 22.52 -15.93 10.40
C ASN A 166 23.37 -14.87 11.08
N PRO A 167 22.83 -14.26 12.14
CA PRO A 167 23.51 -13.22 12.92
C PRO A 167 24.72 -13.63 13.74
N SER A 168 25.56 -12.65 14.02
CA SER A 168 26.77 -12.79 14.84
C SER A 168 27.05 -11.37 15.29
N ASP A 169 27.98 -11.20 16.24
CA ASP A 169 28.28 -9.87 16.74
C ASP A 169 29.04 -8.96 15.76
N LYS A 170 29.47 -9.50 14.62
CA LYS A 170 30.17 -8.68 13.64
C LYS A 170 29.24 -7.67 12.98
N PHE A 171 27.94 -7.96 13.00
CA PHE A 171 26.94 -7.07 12.41
C PHE A 171 25.70 -7.10 13.28
N ILE A 172 25.55 -6.05 14.09
CA ILE A 172 24.42 -5.94 15.00
C ILE A 172 23.25 -5.11 14.45
N TYR A 173 22.04 -5.63 14.58
CA TYR A 173 20.85 -4.93 14.11
C TYR A 173 19.80 -4.92 15.20
N ALA A 174 18.84 -4.01 15.10
CA ALA A 174 17.79 -3.92 16.10
C ALA A 174 16.70 -2.94 15.69
N THR A 175 15.67 -2.86 16.51
CA THR A 175 14.56 -1.94 16.26
C THR A 175 14.22 -1.30 17.61
N VAL A 176 13.05 -0.69 17.71
CA VAL A 176 12.64 -0.04 18.96
C VAL A 176 11.84 -0.98 19.86
N LYS A 177 12.24 -1.08 21.12
CA LYS A 177 11.56 -1.94 22.07
C LYS A 177 10.10 -1.52 22.30
N GLN A 178 9.23 -2.52 22.42
CA GLN A 178 7.80 -2.30 22.66
C GLN A 178 7.04 -1.65 21.51
N SER A 179 7.66 -1.57 20.34
CA SER A 179 7.00 -0.98 19.18
C SER A 179 6.21 -2.03 18.43
N SER A 180 5.41 -1.60 17.45
CA SER A 180 4.62 -2.53 16.66
C SER A 180 5.56 -3.35 15.79
N VAL A 181 6.74 -2.81 15.51
CA VAL A 181 7.74 -3.48 14.70
C VAL A 181 8.37 -4.60 15.53
N ASP A 182 8.65 -4.30 16.79
CA ASP A 182 9.22 -5.29 17.70
C ASP A 182 8.22 -6.45 17.77
N ILE A 183 6.94 -6.12 17.91
CA ILE A 183 5.87 -7.13 17.97
C ILE A 183 5.80 -7.94 16.68
N TYR A 184 5.99 -7.27 15.55
CA TYR A 184 5.96 -7.94 14.26
C TYR A 184 6.96 -9.10 14.24
N PHE A 185 8.18 -8.84 14.68
CA PHE A 185 9.21 -9.89 14.72
C PHE A 185 8.94 -10.96 15.77
N ARG A 186 8.42 -10.55 16.92
CA ARG A 186 8.14 -11.47 18.01
C ARG A 186 7.08 -12.51 17.64
N ARG A 187 6.15 -12.14 16.77
CA ARG A 187 5.08 -13.05 16.35
C ARG A 187 5.39 -13.86 15.10
N GLN A 188 6.39 -13.41 14.34
CA GLN A 188 6.81 -14.09 13.13
C GLN A 188 7.67 -15.29 13.52
N VAL A 189 7.05 -16.47 13.58
CA VAL A 189 7.78 -17.68 13.95
C VAL A 189 9.01 -17.90 13.07
N GLU A 190 8.89 -17.57 11.79
CA GLU A 190 9.98 -17.73 10.84
C GLU A 190 11.14 -16.77 11.12
N LEU A 191 10.89 -15.76 11.95
CA LEU A 191 11.91 -14.77 12.27
C LEU A 191 12.41 -14.88 13.70
N SER A 192 12.23 -16.04 14.33
CA SER A 192 12.65 -16.24 15.71
C SER A 192 14.15 -16.01 15.91
N THR A 193 14.96 -16.45 14.95
CA THR A 193 16.40 -16.27 15.04
C THR A 193 16.72 -14.78 15.11
N MET A 194 16.15 -14.02 14.18
CA MET A 194 16.37 -12.58 14.15
C MET A 194 15.94 -11.92 15.45
N TYR A 195 14.71 -12.23 15.87
CA TYR A 195 14.16 -11.68 17.10
C TYR A 195 15.07 -11.91 18.29
N ARG A 196 15.58 -13.14 18.42
CA ARG A 196 16.46 -13.49 19.53
C ARG A 196 17.67 -12.56 19.57
N HIS A 197 18.19 -12.23 18.39
CA HIS A 197 19.34 -11.35 18.29
C HIS A 197 18.97 -9.91 18.61
N MET A 198 17.84 -9.46 18.06
CA MET A 198 17.37 -8.09 18.28
C MET A 198 17.00 -7.79 19.72
N GLU A 199 16.30 -8.71 20.36
CA GLU A 199 15.87 -8.54 21.74
C GLU A 199 17.04 -8.22 22.65
N LYS A 200 18.24 -8.49 22.17
CA LYS A 200 19.46 -8.23 22.93
C LYS A 200 20.05 -6.86 22.59
N HIS A 201 19.50 -6.20 21.58
CA HIS A 201 20.03 -4.90 21.18
C HIS A 201 19.00 -3.80 20.89
N ASN A 202 17.71 -4.10 21.04
CA ASN A 202 16.69 -3.09 20.77
C ASN A 202 16.87 -1.82 21.58
N TYR A 203 16.60 -0.68 20.94
CA TYR A 203 16.74 0.62 21.58
C TYR A 203 15.45 1.15 22.19
N GLU A 204 15.59 2.14 23.06
CA GLU A 204 14.46 2.75 23.75
C GLU A 204 13.65 3.65 22.81
N SER A 205 14.31 4.22 21.80
CA SER A 205 13.65 5.09 20.86
C SER A 205 14.33 5.08 19.50
N ALA A 206 13.62 5.52 18.48
CA ALA A 206 14.15 5.56 17.12
C ALA A 206 15.33 6.53 17.04
N ALA A 207 15.19 7.68 17.69
CA ALA A 207 16.24 8.69 17.69
C ALA A 207 17.56 8.10 18.17
N GLU A 208 17.49 7.35 19.27
CA GLU A 208 18.67 6.71 19.85
C GLU A 208 19.28 5.66 18.92
N ALA A 209 18.42 4.88 18.27
CA ALA A 209 18.91 3.85 17.36
C ALA A 209 19.58 4.49 16.15
N ILE A 210 18.94 5.51 15.59
CA ILE A 210 19.49 6.21 14.43
C ILE A 210 20.85 6.81 14.76
N GLN A 211 20.96 7.35 15.98
CA GLN A 211 22.22 7.95 16.41
C GLN A 211 23.28 6.86 16.52
N ALA A 212 22.88 5.71 17.05
CA ALA A 212 23.78 4.58 17.21
C ALA A 212 24.35 4.12 15.87
N VAL A 213 23.55 4.26 14.80
CA VAL A 213 24.01 3.85 13.48
C VAL A 213 25.08 4.80 12.97
N ARG A 214 24.93 6.09 13.26
CA ARG A 214 25.91 7.08 12.84
C ARG A 214 27.19 6.93 13.65
N ASP A 215 27.03 6.49 14.90
CA ASP A 215 28.17 6.31 15.81
C ASP A 215 28.82 4.94 15.67
N ASN A 216 28.38 4.17 14.67
CA ASN A 216 28.92 2.84 14.45
C ASN A 216 28.76 1.89 15.63
N LYS A 217 27.73 2.15 16.45
CA LYS A 217 27.46 1.29 17.59
C LYS A 217 26.39 0.28 17.19
N LEU A 218 25.62 0.64 16.17
CA LEU A 218 24.56 -0.21 15.63
C LEU A 218 24.79 -0.25 14.14
N HIS A 219 24.82 -1.45 13.54
CA HIS A 219 25.06 -1.55 12.11
C HIS A 219 23.80 -1.44 11.26
N ALA A 220 22.66 -1.79 11.83
CA ALA A 220 21.40 -1.70 11.10
C ALA A 220 20.22 -1.45 12.02
N PHE A 221 19.35 -0.53 11.61
CA PHE A 221 18.15 -0.19 12.36
C PHE A 221 16.95 -0.49 11.46
N ILE A 222 16.06 -1.36 11.93
CA ILE A 222 14.87 -1.75 11.17
C ILE A 222 13.70 -0.90 11.63
N TRP A 223 13.05 -0.21 10.68
CA TRP A 223 11.95 0.70 11.02
C TRP A 223 11.13 1.02 9.76
N ASP A 224 10.16 1.92 9.91
CA ASP A 224 9.31 2.35 8.79
C ASP A 224 10.13 2.99 7.67
N SER A 225 9.88 2.57 6.43
CA SER A 225 10.60 3.15 5.30
C SER A 225 10.21 4.62 5.14
N ALA A 226 8.96 4.94 5.46
CA ALA A 226 8.47 6.31 5.34
C ALA A 226 9.27 7.25 6.25
N VAL A 227 9.78 6.71 7.35
CA VAL A 227 10.57 7.48 8.30
C VAL A 227 12.06 7.40 7.93
N LEU A 228 12.53 6.18 7.70
CA LEU A 228 13.93 5.98 7.36
C LEU A 228 14.35 6.63 6.06
N GLU A 229 13.47 6.66 5.06
CA GLU A 229 13.82 7.29 3.80
C GLU A 229 14.11 8.77 4.03
N PHE A 230 13.33 9.39 4.90
CA PHE A 230 13.52 10.80 5.22
C PHE A 230 14.82 10.98 6.01
N GLU A 231 14.98 10.19 7.07
CA GLU A 231 16.18 10.28 7.90
C GLU A 231 17.45 10.12 7.07
N ALA A 232 17.40 9.23 6.09
CA ALA A 232 18.55 9.00 5.23
C ALA A 232 18.85 10.22 4.36
N SER A 233 17.80 10.81 3.83
CA SER A 233 17.93 11.99 2.98
C SER A 233 18.50 13.19 3.73
N GLN A 234 18.39 13.18 5.05
CA GLN A 234 18.87 14.29 5.85
C GLN A 234 20.32 14.15 6.32
N LYS A 235 20.81 12.91 6.35
CA LYS A 235 22.16 12.65 6.79
C LYS A 235 22.95 11.87 5.74
N CYS A 236 24.01 12.50 5.23
CA CYS A 236 24.83 11.90 4.18
C CYS A 236 25.55 10.60 4.58
N ASP A 237 25.78 10.40 5.87
CA ASP A 237 26.47 9.18 6.33
C ASP A 237 25.48 8.04 6.56
N LEU A 238 24.22 8.27 6.21
CA LEU A 238 23.17 7.26 6.38
C LEU A 238 22.43 6.97 5.09
N VAL A 239 22.01 5.71 4.91
CA VAL A 239 21.27 5.31 3.73
C VAL A 239 20.35 4.14 4.07
N THR A 240 19.30 3.95 3.27
CA THR A 240 18.40 2.82 3.47
C THR A 240 18.92 1.78 2.49
N THR A 241 18.66 0.50 2.76
CA THR A 241 19.16 -0.55 1.90
C THR A 241 18.23 -1.76 1.84
N GLY A 242 18.27 -2.47 0.70
CA GLY A 242 17.46 -3.66 0.53
C GLY A 242 16.01 -3.46 0.14
N GLU A 243 15.34 -4.57 -0.16
CA GLU A 243 13.93 -4.52 -0.55
C GLU A 243 13.07 -4.36 0.69
N LEU A 244 11.91 -3.73 0.53
CA LEU A 244 11.00 -3.54 1.64
C LEU A 244 10.33 -4.87 1.97
N PHE A 245 10.03 -5.07 3.25
CA PHE A 245 9.33 -6.26 3.68
C PHE A 245 8.23 -5.75 4.61
N PHE A 246 7.18 -6.56 4.78
CA PHE A 246 6.04 -6.18 5.59
C PHE A 246 5.53 -4.82 5.06
N ARG A 247 5.11 -4.82 3.81
CA ARG A 247 4.58 -3.59 3.21
C ARG A 247 3.28 -3.28 3.94
N SER A 248 2.98 -1.99 4.06
CA SER A 248 1.77 -1.58 4.76
C SER A 248 1.40 -0.17 4.36
N GLY A 249 0.27 0.29 4.86
CA GLY A 249 -0.17 1.65 4.58
C GLY A 249 -0.38 2.41 5.87
N PHE A 250 -0.35 3.73 5.78
CA PHE A 250 -0.62 4.60 6.93
C PHE A 250 -2.00 5.12 6.66
N GLY A 251 -2.88 5.07 7.65
CA GLY A 251 -4.22 5.58 7.44
C GLY A 251 -4.72 6.36 8.64
N ILE A 252 -5.76 7.16 8.41
CA ILE A 252 -6.35 7.95 9.47
C ILE A 252 -7.22 7.00 10.31
N GLY A 253 -7.04 7.03 11.62
CA GLY A 253 -7.79 6.15 12.48
C GLY A 253 -9.05 6.79 13.05
N MET A 254 -10.14 6.04 13.04
CA MET A 254 -11.42 6.50 13.54
C MET A 254 -12.11 5.35 14.25
N ARG A 255 -13.03 5.66 15.17
CA ARG A 255 -13.76 4.61 15.85
C ARG A 255 -14.67 3.95 14.81
N LYS A 256 -15.01 2.69 15.05
CA LYS A 256 -15.84 1.94 14.10
C LYS A 256 -17.12 2.68 13.76
N ASP A 257 -17.59 2.47 12.52
CA ASP A 257 -18.82 3.09 12.03
C ASP A 257 -18.87 4.62 12.08
N SER A 258 -17.73 5.26 11.85
CA SER A 258 -17.67 6.72 11.87
C SER A 258 -18.30 7.31 10.61
N PRO A 259 -19.07 8.40 10.76
CA PRO A 259 -19.70 9.04 9.60
C PRO A 259 -18.68 9.78 8.74
N TRP A 260 -17.46 9.91 9.23
CA TRP A 260 -16.41 10.62 8.48
C TRP A 260 -15.58 9.72 7.58
N LYS A 261 -15.56 8.42 7.89
CA LYS A 261 -14.75 7.46 7.15
C LYS A 261 -14.86 7.48 5.62
N GLN A 262 -16.06 7.35 5.08
CA GLN A 262 -16.23 7.31 3.63
C GLN A 262 -15.60 8.50 2.92
N ASN A 263 -15.93 9.72 3.34
CA ASN A 263 -15.37 10.89 2.69
C ASN A 263 -13.88 11.11 2.93
N VAL A 264 -13.38 10.69 4.09
CA VAL A 264 -11.94 10.83 4.34
C VAL A 264 -11.25 9.91 3.34
N SER A 265 -11.77 8.70 3.20
CA SER A 265 -11.19 7.73 2.27
C SER A 265 -11.30 8.21 0.82
N LEU A 266 -12.46 8.75 0.45
CA LEU A 266 -12.65 9.23 -0.92
C LEU A 266 -11.68 10.36 -1.25
N SER A 267 -11.46 11.25 -0.29
CA SER A 267 -10.55 12.36 -0.50
C SER A 267 -9.12 11.85 -0.70
N ILE A 268 -8.71 10.92 0.15
CA ILE A 268 -7.36 10.36 0.06
C ILE A 268 -7.17 9.63 -1.27
N LEU A 269 -8.15 8.84 -1.69
CA LEU A 269 -8.02 8.13 -2.96
C LEU A 269 -7.92 9.16 -4.09
N LYS A 270 -8.71 10.21 -4.01
CA LYS A 270 -8.71 11.26 -5.02
C LYS A 270 -7.35 11.94 -5.09
N SER A 271 -6.74 12.17 -3.92
CA SER A 271 -5.45 12.83 -3.84
C SER A 271 -4.32 11.98 -4.45
N HIS A 272 -4.46 10.66 -4.38
CA HIS A 272 -3.46 9.78 -4.98
C HIS A 272 -3.60 9.84 -6.49
N GLU A 273 -4.80 10.13 -6.96
CA GLU A 273 -5.07 10.16 -8.39
C GLU A 273 -4.93 11.51 -9.07
N ASN A 274 -4.95 12.60 -8.29
CA ASN A 274 -4.85 13.92 -8.89
C ASN A 274 -3.56 14.68 -8.64
N GLY A 275 -2.55 13.99 -8.12
CA GLY A 275 -1.26 14.60 -7.87
C GLY A 275 -1.06 15.26 -6.52
N PHE A 276 -2.14 15.41 -5.75
CA PHE A 276 -2.02 16.06 -4.45
C PHE A 276 -1.06 15.31 -3.53
N MET A 277 -1.18 13.99 -3.46
CA MET A 277 -0.30 13.24 -2.58
C MET A 277 1.15 13.30 -3.04
N GLU A 278 1.35 13.31 -4.35
CA GLU A 278 2.69 13.41 -4.93
C GLU A 278 3.29 14.76 -4.55
N ASP A 279 2.46 15.80 -4.54
CA ASP A 279 2.91 17.14 -4.17
C ASP A 279 3.35 17.20 -2.72
N LEU A 280 2.65 16.48 -1.85
CA LEU A 280 3.03 16.46 -0.43
C LEU A 280 4.37 15.75 -0.28
N ASP A 281 4.56 14.69 -1.07
CA ASP A 281 5.79 13.93 -1.05
C ASP A 281 6.97 14.83 -1.41
N LYS A 282 6.82 15.61 -2.47
CA LYS A 282 7.87 16.52 -2.93
C LYS A 282 8.12 17.66 -1.96
N THR A 283 7.05 18.14 -1.33
CA THR A 283 7.17 19.24 -0.39
C THR A 283 7.87 18.84 0.90
N TRP A 284 7.59 17.63 1.39
CA TRP A 284 8.18 17.21 2.66
C TRP A 284 9.38 16.27 2.66
N VAL A 285 9.82 15.87 1.47
CA VAL A 285 10.99 15.00 1.35
C VAL A 285 11.72 15.26 0.03
N ARG B 5 -23.69 -20.23 -0.53
CA ARG B 5 -22.55 -20.48 -1.46
C ARG B 5 -22.28 -19.19 -2.23
N LEU B 6 -21.16 -18.56 -1.90
CA LEU B 6 -20.79 -17.29 -2.51
C LEU B 6 -20.42 -17.34 -3.98
N LYS B 7 -20.94 -16.36 -4.73
CA LYS B 7 -20.64 -16.26 -6.15
C LYS B 7 -19.42 -15.36 -6.29
N ILE B 8 -18.31 -15.95 -6.70
CA ILE B 8 -17.06 -15.21 -6.89
C ILE B 8 -16.86 -14.92 -8.37
N VAL B 9 -16.60 -13.67 -8.71
CA VAL B 9 -16.33 -13.35 -10.11
C VAL B 9 -14.86 -12.98 -10.19
N THR B 10 -14.20 -13.41 -11.27
CA THR B 10 -12.80 -13.10 -11.45
C THR B 10 -12.53 -12.87 -12.94
N ILE B 11 -11.27 -12.70 -13.29
CA ILE B 11 -10.93 -12.43 -14.68
C ILE B 11 -9.55 -12.98 -14.99
N HIS B 12 -9.32 -13.29 -16.26
CA HIS B 12 -8.02 -13.82 -16.69
C HIS B 12 -6.96 -12.73 -16.61
N GLN B 13 -5.98 -12.93 -15.72
CA GLN B 13 -4.90 -11.96 -15.56
C GLN B 13 -3.72 -12.61 -14.85
N GLU B 14 -2.78 -13.13 -15.63
CA GLU B 14 -1.61 -13.78 -15.06
C GLU B 14 -0.74 -12.74 -14.34
N PRO B 15 -0.10 -13.14 -13.24
CA PRO B 15 -0.11 -14.46 -12.61
C PRO B 15 -1.15 -14.58 -11.51
N PHE B 16 -2.08 -13.63 -11.45
CA PHE B 16 -3.11 -13.66 -10.42
C PHE B 16 -4.17 -14.71 -10.74
N VAL B 17 -4.53 -14.80 -12.01
CA VAL B 17 -5.51 -15.78 -12.44
C VAL B 17 -5.17 -16.34 -13.81
N TYR B 18 -4.83 -17.62 -13.85
CA TYR B 18 -4.55 -18.30 -15.11
C TYR B 18 -5.88 -18.99 -15.45
N VAL B 19 -6.18 -19.15 -16.74
CA VAL B 19 -7.41 -19.81 -17.16
C VAL B 19 -7.05 -20.83 -18.24
N LYS B 20 -7.34 -22.10 -17.96
CA LYS B 20 -7.03 -23.18 -18.90
C LYS B 20 -8.21 -24.12 -19.08
N PRO B 21 -8.28 -24.82 -20.21
CA PRO B 21 -9.38 -25.76 -20.47
C PRO B 21 -9.29 -26.98 -19.55
N THR B 22 -10.42 -27.61 -19.28
CA THR B 22 -10.42 -28.81 -18.45
C THR B 22 -9.95 -29.93 -19.38
N MET B 23 -9.57 -31.07 -18.80
CA MET B 23 -9.14 -32.20 -19.62
C MET B 23 -10.38 -32.89 -20.18
N SER B 24 -10.18 -33.99 -20.91
CA SER B 24 -11.29 -34.70 -21.53
C SER B 24 -12.30 -35.25 -20.53
N ASP B 25 -11.87 -35.50 -19.29
CA ASP B 25 -12.79 -36.02 -18.29
C ASP B 25 -13.38 -34.91 -17.43
N GLY B 26 -13.12 -33.66 -17.82
CA GLY B 26 -13.68 -32.52 -17.09
C GLY B 26 -12.92 -32.07 -15.85
N THR B 27 -11.78 -32.67 -15.58
CA THR B 27 -10.99 -32.31 -14.41
C THR B 27 -9.86 -31.36 -14.83
N CYS B 28 -9.16 -30.81 -13.85
CA CYS B 28 -8.04 -29.92 -14.13
C CYS B 28 -6.77 -30.74 -14.01
N LYS B 29 -5.93 -30.65 -15.04
CA LYS B 29 -4.68 -31.39 -15.05
C LYS B 29 -3.91 -31.23 -13.75
N GLU B 30 -3.44 -32.34 -13.22
CA GLU B 30 -2.67 -32.35 -11.98
C GLU B 30 -1.27 -31.81 -12.30
N GLU B 31 -0.92 -30.69 -11.67
CA GLU B 31 0.38 -30.08 -11.90
C GLU B 31 1.08 -29.73 -10.60
N PHE B 32 2.39 -29.52 -10.69
CA PHE B 32 3.19 -29.17 -9.51
C PHE B 32 4.12 -28.01 -9.83
N THR B 33 4.54 -27.30 -8.78
CA THR B 33 5.46 -26.18 -8.95
C THR B 33 6.85 -26.74 -9.23
N VAL B 34 7.80 -25.86 -9.53
CA VAL B 34 9.17 -26.30 -9.80
C VAL B 34 9.83 -26.97 -8.60
N ASN B 35 9.25 -26.82 -7.41
CA ASN B 35 9.82 -27.48 -6.24
C ASN B 35 8.96 -28.65 -5.75
N GLY B 36 8.03 -29.08 -6.59
CA GLY B 36 7.20 -30.23 -6.26
C GLY B 36 5.93 -30.01 -5.45
N ASP B 37 5.53 -28.77 -5.24
CA ASP B 37 4.31 -28.51 -4.48
C ASP B 37 3.12 -28.59 -5.44
N PRO B 38 2.01 -29.22 -5.01
CA PRO B 38 0.85 -29.31 -5.90
C PRO B 38 0.28 -27.93 -6.23
N VAL B 39 -0.13 -27.74 -7.48
CA VAL B 39 -0.72 -26.46 -7.86
C VAL B 39 -2.22 -26.57 -7.56
N LYS B 40 -2.74 -25.69 -6.71
CA LYS B 40 -4.17 -25.74 -6.38
C LYS B 40 -4.97 -25.10 -7.51
N LYS B 41 -6.04 -25.77 -7.93
CA LYS B 41 -6.88 -25.26 -9.00
C LYS B 41 -8.35 -25.36 -8.65
N VAL B 42 -9.16 -24.46 -9.20
CA VAL B 42 -10.59 -24.49 -8.97
C VAL B 42 -11.29 -24.41 -10.31
N ILE B 43 -12.48 -24.99 -10.40
CA ILE B 43 -13.22 -24.93 -11.65
C ILE B 43 -13.88 -23.55 -11.69
N CYS B 44 -13.77 -22.87 -12.84
CA CYS B 44 -14.38 -21.56 -13.00
C CYS B 44 -15.12 -21.53 -14.33
N THR B 45 -16.43 -21.33 -14.26
CA THR B 45 -17.25 -21.28 -15.46
C THR B 45 -17.14 -19.90 -16.11
N GLY B 46 -17.37 -19.85 -17.41
CA GLY B 46 -17.31 -18.57 -18.11
C GLY B 46 -17.24 -18.74 -19.61
N PRO B 47 -17.17 -17.63 -20.36
CA PRO B 47 -17.10 -17.70 -21.83
C PRO B 47 -15.77 -18.26 -22.32
N THR B 58 -21.25 -20.70 -22.05
CA THR B 58 -20.48 -20.88 -20.83
C THR B 58 -20.06 -22.32 -20.64
N VAL B 59 -18.83 -22.54 -20.17
CA VAL B 59 -18.31 -23.87 -19.95
C VAL B 59 -17.31 -23.90 -18.81
N PRO B 60 -17.22 -25.04 -18.11
CA PRO B 60 -16.28 -25.18 -16.99
C PRO B 60 -14.85 -25.10 -17.48
N GLN B 61 -14.03 -24.33 -16.78
CA GLN B 61 -12.62 -24.17 -17.13
C GLN B 61 -11.81 -24.26 -15.83
N CYS B 62 -10.49 -24.20 -15.96
CA CYS B 62 -9.63 -24.30 -14.79
C CYS B 62 -8.98 -22.97 -14.47
N CYS B 63 -9.05 -22.57 -13.21
CA CYS B 63 -8.47 -21.32 -12.76
C CYS B 63 -7.48 -21.57 -11.63
N TYR B 64 -6.38 -20.81 -11.63
CA TYR B 64 -5.38 -20.92 -10.58
C TYR B 64 -4.49 -19.69 -10.61
N GLY B 65 -3.75 -19.49 -9.52
CA GLY B 65 -2.88 -18.33 -9.45
C GLY B 65 -2.94 -17.66 -8.09
N PHE B 66 -2.23 -16.55 -7.95
CA PHE B 66 -2.18 -15.78 -6.70
C PHE B 66 -3.56 -15.55 -6.09
N CYS B 67 -4.49 -15.03 -6.90
CA CYS B 67 -5.84 -14.75 -6.40
C CYS B 67 -6.64 -16.00 -6.05
N ILE B 68 -6.35 -17.11 -6.73
CA ILE B 68 -7.09 -18.35 -6.45
C ILE B 68 -6.58 -18.94 -5.14
N ASP B 69 -5.27 -18.88 -4.92
CA ASP B 69 -4.69 -19.38 -3.68
C ASP B 69 -5.24 -18.53 -2.53
N LEU B 70 -5.37 -17.23 -2.78
CA LEU B 70 -5.90 -16.32 -1.76
C LEU B 70 -7.34 -16.68 -1.43
N LEU B 71 -8.14 -16.90 -2.47
CA LEU B 71 -9.55 -17.27 -2.28
C LEU B 71 -9.67 -18.56 -1.47
N ILE B 72 -8.88 -19.57 -1.83
CA ILE B 72 -8.93 -20.85 -1.15
C ILE B 72 -8.64 -20.66 0.34
N LYS B 73 -7.63 -19.85 0.64
CA LYS B 73 -7.26 -19.56 2.02
C LYS B 73 -8.40 -18.85 2.75
N LEU B 74 -8.97 -17.82 2.13
CA LEU B 74 -10.08 -17.08 2.75
C LEU B 74 -11.28 -17.97 3.01
N ALA B 75 -11.60 -18.86 2.06
CA ALA B 75 -12.74 -19.75 2.20
C ALA B 75 -12.54 -20.71 3.39
N ARG B 76 -11.31 -21.18 3.56
CA ARG B 76 -11.03 -22.10 4.66
C ARG B 76 -11.08 -21.34 5.99
N THR B 77 -10.42 -20.19 6.02
CA THR B 77 -10.37 -19.35 7.20
C THR B 77 -11.74 -18.85 7.67
N MET B 78 -12.58 -18.47 6.72
CA MET B 78 -13.90 -17.92 7.04
C MET B 78 -15.04 -18.92 6.90
N ASN B 79 -14.68 -20.17 6.68
CA ASN B 79 -15.64 -21.25 6.58
C ASN B 79 -16.83 -20.98 5.64
N PHE B 80 -16.53 -20.67 4.38
CA PHE B 80 -17.60 -20.46 3.41
C PHE B 80 -17.32 -21.23 2.13
N THR B 81 -18.38 -21.61 1.43
CA THR B 81 -18.24 -22.34 0.18
C THR B 81 -18.48 -21.33 -0.93
N TYR B 82 -18.01 -21.65 -2.13
CA TYR B 82 -18.14 -20.70 -3.24
C TYR B 82 -18.16 -21.38 -4.61
N GLU B 83 -18.46 -20.57 -5.62
CA GLU B 83 -18.44 -21.03 -7.01
C GLU B 83 -17.87 -19.85 -7.79
N VAL B 84 -16.84 -20.12 -8.57
CA VAL B 84 -16.17 -19.09 -9.34
C VAL B 84 -16.58 -19.01 -10.81
N HIS B 85 -16.73 -17.79 -11.31
CA HIS B 85 -17.04 -17.62 -12.73
C HIS B 85 -16.27 -16.42 -13.26
N LEU B 86 -15.95 -16.49 -14.56
CA LEU B 86 -15.23 -15.42 -15.23
C LEU B 86 -16.24 -14.33 -15.65
N VAL B 87 -15.87 -13.08 -15.45
CA VAL B 87 -16.75 -11.96 -15.79
C VAL B 87 -17.24 -12.10 -17.24
N ALA B 88 -18.54 -12.00 -17.43
CA ALA B 88 -19.16 -12.16 -18.74
C ALA B 88 -18.59 -11.31 -19.88
N ASP B 89 -18.34 -10.02 -19.62
CA ASP B 89 -17.83 -9.15 -20.67
C ASP B 89 -16.31 -9.02 -20.70
N GLY B 90 -15.63 -9.78 -19.85
CA GLY B 90 -14.17 -9.76 -19.80
C GLY B 90 -13.53 -8.44 -19.42
N LYS B 91 -14.23 -7.62 -18.64
CA LYS B 91 -13.68 -6.33 -18.23
C LYS B 91 -13.61 -6.21 -16.72
N PHE B 92 -12.74 -5.34 -16.24
CA PHE B 92 -12.60 -5.12 -14.81
C PHE B 92 -13.75 -4.26 -14.33
N GLY B 93 -13.99 -3.14 -15.03
CA GLY B 93 -15.08 -2.28 -14.63
C GLY B 93 -14.85 -0.79 -14.69
N THR B 94 -15.59 -0.14 -15.58
CA THR B 94 -15.52 1.31 -15.73
C THR B 94 -16.97 1.77 -15.82
N GLN B 95 -17.24 3.01 -15.43
CA GLN B 95 -18.60 3.54 -15.44
C GLN B 95 -18.82 4.40 -16.68
N GLU B 96 -19.63 3.89 -17.61
CA GLU B 96 -19.91 4.59 -18.85
C GLU B 96 -21.32 5.15 -18.87
N LYS B 104 -25.11 6.77 -16.38
CA LYS B 104 -23.92 5.92 -16.33
C LYS B 104 -24.19 4.56 -15.70
N GLU B 105 -23.49 3.54 -16.21
CA GLU B 105 -23.63 2.19 -15.69
C GLU B 105 -22.26 1.54 -15.62
N TRP B 106 -22.07 0.70 -14.62
CA TRP B 106 -20.81 -0.01 -14.45
C TRP B 106 -20.85 -1.30 -15.25
N ASN B 107 -19.76 -1.58 -15.96
CA ASN B 107 -19.66 -2.81 -16.73
C ASN B 107 -18.65 -3.70 -15.98
N GLY B 108 -18.20 -4.76 -16.64
CA GLY B 108 -17.21 -5.63 -16.03
C GLY B 108 -17.63 -6.23 -14.69
N MET B 109 -16.62 -6.54 -13.87
CA MET B 109 -16.87 -7.11 -12.56
C MET B 109 -17.59 -6.16 -11.63
N MET B 110 -17.35 -4.86 -11.79
CA MET B 110 -18.03 -3.86 -10.97
C MET B 110 -19.53 -4.02 -11.18
N GLY B 111 -19.92 -4.09 -12.45
CA GLY B 111 -21.33 -4.25 -12.77
C GLY B 111 -21.93 -5.55 -12.24
N GLU B 112 -21.18 -6.64 -12.35
CA GLU B 112 -21.68 -7.92 -11.86
C GLU B 112 -21.86 -7.93 -10.34
N LEU B 113 -20.96 -7.26 -9.63
CA LEU B 113 -21.06 -7.20 -8.17
C LEU B 113 -22.28 -6.38 -7.75
N LEU B 114 -22.48 -5.24 -8.41
CA LEU B 114 -23.61 -4.37 -8.08
C LEU B 114 -24.96 -4.99 -8.45
N SER B 115 -24.98 -5.81 -9.50
CA SER B 115 -26.23 -6.43 -9.95
C SER B 115 -26.59 -7.70 -9.18
N GLY B 116 -25.64 -8.23 -8.42
CA GLY B 116 -25.90 -9.43 -7.67
C GLY B 116 -25.43 -10.69 -8.37
N GLN B 117 -24.88 -10.54 -9.56
CA GLN B 117 -24.38 -11.69 -10.31
C GLN B 117 -23.15 -12.25 -9.60
N ALA B 118 -22.53 -11.42 -8.78
CA ALA B 118 -21.37 -11.83 -8.01
C ALA B 118 -21.52 -11.27 -6.60
N ASP B 119 -20.97 -11.99 -5.62
CA ASP B 119 -21.00 -11.57 -4.22
C ASP B 119 -19.66 -10.96 -3.82
N MET B 120 -18.60 -11.41 -4.48
CA MET B 120 -17.24 -10.90 -4.23
C MET B 120 -16.44 -10.85 -5.52
N ILE B 121 -15.66 -9.80 -5.68
CA ILE B 121 -14.78 -9.70 -6.84
C ILE B 121 -13.41 -10.10 -6.31
N VAL B 122 -12.84 -11.17 -6.84
CA VAL B 122 -11.53 -11.65 -6.41
C VAL B 122 -10.62 -11.61 -7.64
N ALA B 123 -9.91 -10.50 -7.79
CA ALA B 123 -9.03 -10.29 -8.94
C ALA B 123 -8.14 -9.09 -8.66
N PRO B 124 -7.12 -8.87 -9.51
CA PRO B 124 -6.21 -7.74 -9.32
C PRO B 124 -6.91 -6.43 -9.71
N LEU B 125 -7.88 -6.07 -8.89
CA LEU B 125 -8.74 -4.90 -9.08
C LEU B 125 -8.23 -3.69 -8.29
N THR B 126 -7.90 -2.63 -9.01
CA THR B 126 -7.40 -1.42 -8.39
C THR B 126 -8.44 -0.69 -7.55
N ILE B 127 -8.06 -0.36 -6.33
CA ILE B 127 -8.93 0.38 -5.43
C ILE B 127 -8.77 1.84 -5.83
N ASN B 128 -9.80 2.42 -6.45
CA ASN B 128 -9.72 3.81 -6.84
C ASN B 128 -10.93 4.58 -6.32
N ASN B 129 -10.87 5.90 -6.46
CA ASN B 129 -11.93 6.76 -5.95
C ASN B 129 -13.30 6.50 -6.55
N GLU B 130 -13.39 6.41 -7.87
CA GLU B 130 -14.69 6.20 -8.51
C GLU B 130 -15.37 4.90 -8.09
N ARG B 131 -14.62 3.81 -8.03
CA ARG B 131 -15.19 2.54 -7.63
C ARG B 131 -15.59 2.55 -6.15
N ALA B 132 -14.78 3.20 -5.31
CA ALA B 132 -15.04 3.27 -3.88
C ALA B 132 -16.33 4.02 -3.58
N GLN B 133 -16.83 4.76 -4.57
CA GLN B 133 -18.07 5.50 -4.40
C GLN B 133 -19.27 4.57 -4.49
N TYR B 134 -19.09 3.43 -5.15
CA TYR B 134 -20.18 2.48 -5.34
C TYR B 134 -20.09 1.15 -4.60
N ILE B 135 -18.87 0.66 -4.37
CA ILE B 135 -18.70 -0.61 -3.66
C ILE B 135 -17.66 -0.39 -2.55
N GLU B 136 -17.39 -1.43 -1.79
CA GLU B 136 -16.38 -1.32 -0.73
C GLU B 136 -15.31 -2.37 -1.02
N PHE B 137 -14.11 -2.15 -0.48
CA PHE B 137 -13.00 -3.06 -0.70
C PHE B 137 -12.42 -3.56 0.61
N SER B 138 -11.79 -4.74 0.57
CA SER B 138 -11.12 -5.28 1.74
C SER B 138 -9.80 -4.52 1.75
N LYS B 139 -9.01 -4.72 2.80
CA LYS B 139 -7.70 -4.10 2.87
C LYS B 139 -6.98 -4.74 1.67
N PRO B 140 -5.98 -4.05 1.10
CA PRO B 140 -5.25 -4.57 -0.07
C PRO B 140 -4.42 -5.83 0.16
N PHE B 141 -4.53 -6.77 -0.76
CA PHE B 141 -3.76 -8.01 -0.69
C PHE B 141 -2.49 -7.83 -1.53
N LYS B 142 -2.41 -6.72 -2.23
CA LYS B 142 -1.26 -6.40 -3.06
C LYS B 142 -1.08 -4.88 -3.12
N TYR B 143 0.13 -4.40 -2.86
CA TYR B 143 0.40 -2.96 -2.93
C TYR B 143 1.20 -2.79 -4.22
N GLN B 144 0.77 -1.89 -5.09
CA GLN B 144 1.49 -1.70 -6.34
C GLN B 144 1.29 -0.29 -6.87
N GLY B 145 1.42 -0.14 -8.18
CA GLY B 145 1.23 1.16 -8.78
C GLY B 145 1.41 1.05 -10.28
N LEU B 146 1.33 2.18 -10.98
CA LEU B 146 1.53 2.14 -12.42
C LEU B 146 3.03 2.22 -12.67
N THR B 147 3.49 1.53 -13.70
CA THR B 147 4.89 1.58 -14.04
C THR B 147 5.00 1.49 -15.55
N ILE B 148 6.23 1.39 -16.04
CA ILE B 148 6.48 1.39 -17.47
C ILE B 148 7.25 0.16 -17.95
N LEU B 149 6.77 -0.44 -19.04
CA LEU B 149 7.41 -1.61 -19.62
C LEU B 149 8.11 -1.20 -20.91
N VAL B 150 9.40 -1.52 -21.02
CA VAL B 150 10.16 -1.16 -22.20
C VAL B 150 11.09 -2.30 -22.63
N LYS B 151 11.75 -2.09 -23.77
CA LYS B 151 12.69 -3.08 -24.31
C LYS B 151 13.93 -3.01 -23.43
N LYS B 152 14.52 -4.18 -23.16
CA LYS B 152 15.73 -4.23 -22.33
C LYS B 152 16.74 -3.22 -22.86
N GLY B 153 17.28 -2.40 -21.96
CA GLY B 153 18.26 -1.40 -22.38
C GLY B 153 17.73 0.02 -22.37
N THR B 154 16.41 0.17 -22.48
CA THR B 154 15.79 1.49 -22.49
C THR B 154 15.62 2.01 -21.06
N ARG B 155 15.88 3.30 -20.87
CA ARG B 155 15.78 3.89 -19.55
C ARG B 155 14.83 5.08 -19.47
N ILE B 156 13.82 4.96 -18.61
CA ILE B 156 12.83 6.00 -18.38
C ILE B 156 12.77 6.16 -16.86
N THR B 157 12.96 7.39 -16.39
CA THR B 157 12.97 7.69 -14.97
C THR B 157 11.63 7.49 -14.29
N GLY B 158 10.54 7.71 -15.02
CA GLY B 158 9.21 7.58 -14.46
C GLY B 158 8.25 8.53 -15.14
N ILE B 159 7.18 8.88 -14.44
CA ILE B 159 6.15 9.77 -14.98
C ILE B 159 6.63 11.18 -15.31
N ASN B 160 7.80 11.56 -14.82
CA ASN B 160 8.32 12.90 -15.09
C ASN B 160 9.40 12.92 -16.17
N ASP B 161 9.70 11.76 -16.73
CA ASP B 161 10.71 11.66 -17.77
C ASP B 161 10.37 12.52 -18.98
N PRO B 162 11.37 13.25 -19.51
CA PRO B 162 11.21 14.14 -20.66
C PRO B 162 10.59 13.45 -21.89
N ARG B 163 11.00 12.22 -22.17
CA ARG B 163 10.46 11.54 -23.33
C ARG B 163 8.97 11.26 -23.20
N LEU B 164 8.44 11.46 -21.99
CA LEU B 164 7.01 11.29 -21.74
C LEU B 164 6.31 12.64 -21.75
N ARG B 165 6.85 13.57 -20.96
CA ARG B 165 6.28 14.91 -20.83
C ARG B 165 6.44 15.77 -22.10
N ASN B 166 7.47 15.49 -22.88
CA ASN B 166 7.75 16.21 -24.12
C ASN B 166 7.80 15.16 -25.22
N PRO B 167 6.65 14.57 -25.57
CA PRO B 167 6.58 13.53 -26.61
C PRO B 167 6.92 13.91 -28.04
N SER B 168 7.34 12.90 -28.80
CA SER B 168 7.67 13.03 -30.21
C SER B 168 7.59 11.63 -30.79
N ASP B 169 7.54 11.53 -32.12
CA ASP B 169 7.44 10.25 -32.80
C ASP B 169 8.65 9.35 -32.56
N LYS B 170 9.70 9.88 -31.96
CA LYS B 170 10.90 9.08 -31.71
C LYS B 170 10.71 8.08 -30.58
N PHE B 171 9.81 8.38 -29.65
CA PHE B 171 9.57 7.48 -28.53
C PHE B 171 8.07 7.43 -28.28
N ILE B 172 7.43 6.38 -28.78
CA ILE B 172 5.99 6.19 -28.64
C ILE B 172 5.60 5.40 -27.39
N TYR B 173 4.61 5.90 -26.66
CA TYR B 173 4.15 5.21 -25.47
C TYR B 173 2.62 5.17 -25.46
N ALA B 174 2.05 4.21 -24.72
CA ALA B 174 0.62 4.06 -24.68
C ALA B 174 0.16 3.12 -23.59
N THR B 175 -1.15 2.98 -23.47
CA THR B 175 -1.75 2.07 -22.51
C THR B 175 -2.89 1.34 -23.22
N VAL B 176 -3.80 0.73 -22.47
CA VAL B 176 -4.91 0.01 -23.08
C VAL B 176 -6.17 0.88 -23.21
N LYS B 177 -6.83 0.79 -24.36
CA LYS B 177 -8.04 1.56 -24.60
C LYS B 177 -9.16 1.20 -23.62
N GLN B 178 -9.90 2.21 -23.18
CA GLN B 178 -11.02 2.03 -22.27
C GLN B 178 -10.69 1.40 -20.92
N SER B 179 -9.42 1.50 -20.51
CA SER B 179 -9.02 0.93 -19.24
C SER B 179 -9.09 2.03 -18.17
N SER B 180 -8.98 1.63 -16.91
CA SER B 180 -9.01 2.60 -15.81
C SER B 180 -7.73 3.44 -15.89
N VAL B 181 -6.68 2.87 -16.48
CA VAL B 181 -5.42 3.57 -16.61
C VAL B 181 -5.60 4.70 -17.65
N ASP B 182 -6.27 4.37 -18.75
CA ASP B 182 -6.53 5.36 -19.77
C ASP B 182 -7.32 6.50 -19.10
N ILE B 183 -8.31 6.12 -18.28
CA ILE B 183 -9.12 7.11 -17.58
C ILE B 183 -8.29 7.96 -16.61
N TYR B 184 -7.34 7.34 -15.93
CA TYR B 184 -6.48 8.07 -15.00
C TYR B 184 -5.78 9.21 -15.71
N PHE B 185 -5.24 8.93 -16.90
CA PHE B 185 -4.55 9.96 -17.67
C PHE B 185 -5.46 11.03 -18.24
N ARG B 186 -6.65 10.62 -18.68
CA ARG B 186 -7.61 11.57 -19.25
C ARG B 186 -8.14 12.54 -18.20
N ARG B 187 -8.15 12.13 -16.94
CA ARG B 187 -8.69 12.97 -15.87
C ARG B 187 -7.73 13.89 -15.12
N GLN B 188 -6.42 13.67 -15.24
CA GLN B 188 -5.49 14.56 -14.56
C GLN B 188 -4.95 15.58 -15.55
N VAL B 189 -5.43 16.82 -15.43
CA VAL B 189 -5.04 17.92 -16.30
C VAL B 189 -3.53 18.04 -16.52
N GLU B 190 -2.75 17.74 -15.49
CA GLU B 190 -1.30 17.84 -15.57
C GLU B 190 -0.69 16.80 -16.52
N LEU B 191 -1.50 15.85 -16.96
CA LEU B 191 -1.02 14.81 -17.86
C LEU B 191 -1.70 14.90 -19.23
N SER B 192 -2.29 16.06 -19.51
CA SER B 192 -2.99 16.26 -20.78
C SER B 192 -2.12 16.05 -22.01
N THR B 193 -0.84 16.42 -21.92
CA THR B 193 0.08 16.26 -23.04
C THR B 193 0.32 14.78 -23.31
N MET B 194 0.48 14.00 -22.24
CA MET B 194 0.70 12.57 -22.39
C MET B 194 -0.55 11.89 -22.95
N TYR B 195 -1.71 12.24 -22.39
CA TYR B 195 -2.96 11.66 -22.85
C TYR B 195 -3.19 11.92 -24.33
N ARG B 196 -2.87 13.14 -24.77
CA ARG B 196 -3.04 13.50 -26.18
C ARG B 196 -2.21 12.58 -27.07
N HIS B 197 -0.99 12.29 -26.62
CA HIS B 197 -0.10 11.41 -27.36
C HIS B 197 -0.61 9.97 -27.32
N MET B 198 -0.97 9.53 -26.12
CA MET B 198 -1.45 8.17 -25.91
C MET B 198 -2.71 7.80 -26.66
N GLU B 199 -3.69 8.70 -26.70
CA GLU B 199 -4.94 8.38 -27.39
C GLU B 199 -4.73 8.15 -28.89
N LYS B 200 -3.50 8.37 -29.35
CA LYS B 200 -3.15 8.17 -30.75
C LYS B 200 -2.45 6.81 -30.92
N HIS B 201 -2.08 6.19 -29.82
CA HIS B 201 -1.38 4.91 -29.88
C HIS B 201 -1.91 3.80 -28.98
N ASN B 202 -2.90 4.10 -28.15
CA ASN B 202 -3.45 3.09 -27.23
C ASN B 202 -3.80 1.78 -27.95
N TYR B 203 -3.60 0.66 -27.26
CA TYR B 203 -3.90 -0.65 -27.83
C TYR B 203 -5.21 -1.24 -27.33
N GLU B 204 -5.77 -2.18 -28.08
CA GLU B 204 -7.03 -2.81 -27.71
C GLU B 204 -6.89 -3.71 -26.49
N SER B 205 -5.72 -4.33 -26.34
CA SER B 205 -5.48 -5.22 -25.21
C SER B 205 -4.04 -5.09 -24.72
N ALA B 206 -3.81 -5.47 -23.47
CA ALA B 206 -2.48 -5.43 -22.88
C ALA B 206 -1.56 -6.38 -23.63
N ALA B 207 -2.09 -7.54 -23.99
CA ALA B 207 -1.31 -8.54 -24.71
C ALA B 207 -0.74 -7.94 -25.99
N GLU B 208 -1.59 -7.23 -26.73
CA GLU B 208 -1.17 -6.61 -27.97
C GLU B 208 -0.12 -5.53 -27.73
N ALA B 209 -0.29 -4.75 -26.67
CA ALA B 209 0.66 -3.69 -26.34
C ALA B 209 2.03 -4.28 -25.99
N ILE B 210 2.02 -5.32 -25.14
CA ILE B 210 3.26 -5.96 -24.73
C ILE B 210 4.01 -6.53 -25.94
N GLN B 211 3.27 -7.16 -26.85
CA GLN B 211 3.89 -7.72 -28.05
C GLN B 211 4.48 -6.59 -28.89
N ALA B 212 3.82 -5.44 -28.87
CA ALA B 212 4.30 -4.29 -29.64
C ALA B 212 5.65 -3.82 -29.10
N VAL B 213 5.83 -3.89 -27.79
CA VAL B 213 7.10 -3.49 -27.19
C VAL B 213 8.18 -4.45 -27.65
N ARG B 214 7.86 -5.74 -27.68
CA ARG B 214 8.84 -6.73 -28.12
C ARG B 214 9.14 -6.56 -29.61
N ASP B 215 8.14 -6.17 -30.39
CA ASP B 215 8.34 -5.99 -31.83
C ASP B 215 8.90 -4.62 -32.20
N ASN B 216 9.23 -3.82 -31.19
CA ASN B 216 9.79 -2.49 -31.42
C ASN B 216 8.81 -1.53 -32.10
N LYS B 217 7.51 -1.79 -31.98
CA LYS B 217 6.50 -0.92 -32.58
C LYS B 217 5.98 0.06 -31.54
N LEU B 218 6.15 -0.31 -30.27
CA LEU B 218 5.75 0.54 -29.15
C LEU B 218 6.97 0.62 -28.24
N HIS B 219 7.38 1.85 -27.88
CA HIS B 219 8.56 2.00 -27.06
C HIS B 219 8.30 1.85 -25.56
N ALA B 220 7.09 2.15 -25.12
CA ALA B 220 6.76 2.01 -23.70
C ALA B 220 5.28 1.74 -23.49
N PHE B 221 4.98 0.82 -22.59
CA PHE B 221 3.61 0.46 -22.26
C PHE B 221 3.40 0.77 -20.78
N ILE B 222 2.42 1.64 -20.50
CA ILE B 222 2.11 2.05 -19.12
C ILE B 222 0.97 1.17 -18.59
N TRP B 223 1.21 0.51 -17.47
CA TRP B 223 0.21 -0.42 -16.93
C TRP B 223 0.52 -0.75 -15.47
N ASP B 224 -0.26 -1.68 -14.92
CA ASP B 224 -0.07 -2.13 -13.53
C ASP B 224 1.32 -2.72 -13.30
N SER B 225 2.00 -2.28 -12.26
CA SER B 225 3.32 -2.82 -11.96
C SER B 225 3.16 -4.28 -11.56
N ALA B 226 2.06 -4.61 -10.90
CA ALA B 226 1.80 -5.97 -10.46
C ALA B 226 1.78 -6.92 -11.66
N VAL B 227 1.33 -6.41 -12.80
CA VAL B 227 1.26 -7.21 -14.02
C VAL B 227 2.56 -7.11 -14.83
N LEU B 228 3.04 -5.89 -15.02
CA LEU B 228 4.27 -5.69 -15.80
C LEU B 228 5.53 -6.31 -15.20
N GLU B 229 5.62 -6.35 -13.87
CA GLU B 229 6.80 -6.96 -13.26
C GLU B 229 6.81 -8.44 -13.59
N PHE B 230 5.63 -9.05 -13.64
CA PHE B 230 5.55 -10.48 -13.98
C PHE B 230 5.90 -10.68 -15.45
N GLU B 231 5.28 -9.89 -16.32
CA GLU B 231 5.52 -10.00 -17.76
C GLU B 231 7.01 -9.83 -18.06
N ALA B 232 7.65 -8.90 -17.36
CA ALA B 232 9.07 -8.65 -17.56
C ALA B 232 9.91 -9.84 -17.13
N SER B 233 9.55 -10.44 -16.00
CA SER B 233 10.28 -11.58 -15.47
C SER B 233 10.17 -12.80 -16.39
N GLN B 234 9.18 -12.80 -17.28
CA GLN B 234 8.97 -13.92 -18.19
C GLN B 234 9.66 -13.75 -19.53
N LYS B 235 10.00 -12.51 -19.88
CA LYS B 235 10.66 -12.25 -21.15
C LYS B 235 11.95 -11.46 -20.94
N CYS B 236 13.07 -12.09 -21.33
CA CYS B 236 14.38 -11.48 -21.17
C CYS B 236 14.60 -10.19 -21.95
N ASP B 237 13.79 -9.98 -22.99
CA ASP B 237 13.94 -8.77 -23.79
C ASP B 237 13.08 -7.61 -23.27
N LEU B 238 12.36 -7.86 -22.18
CA LEU B 238 11.50 -6.83 -21.58
C LEU B 238 11.91 -6.53 -20.15
N VAL B 239 11.68 -5.29 -19.73
CA VAL B 239 11.99 -4.86 -18.37
C VAL B 239 11.07 -3.71 -18.00
N THR B 240 10.88 -3.49 -16.70
CA THR B 240 10.08 -2.38 -16.24
C THR B 240 11.13 -1.31 -15.93
N THR B 241 10.73 -0.05 -15.89
CA THR B 241 11.68 1.02 -15.62
C THR B 241 11.06 2.21 -14.92
N GLY B 242 11.89 2.94 -14.16
CA GLY B 242 11.41 4.11 -13.46
C GLY B 242 10.70 3.89 -12.15
N GLU B 243 10.39 5.00 -11.48
CA GLU B 243 9.69 4.96 -10.21
C GLU B 243 8.19 4.81 -10.45
N LEU B 244 7.52 4.13 -9.52
CA LEU B 244 6.08 3.94 -9.65
C LEU B 244 5.34 5.26 -9.43
N PHE B 245 4.23 5.43 -10.13
CA PHE B 245 3.39 6.59 -9.98
C PHE B 245 1.96 6.07 -9.84
N PHE B 246 1.11 6.83 -9.18
CA PHE B 246 -0.26 6.42 -8.91
C PHE B 246 -0.21 5.07 -8.20
N ARG B 247 0.36 5.07 -7.01
CA ARG B 247 0.46 3.86 -6.21
C ARG B 247 -0.96 3.53 -5.77
N SER B 248 -1.25 2.24 -5.67
CA SER B 248 -2.58 1.80 -5.27
C SER B 248 -2.51 0.37 -4.76
N GLY B 249 -3.65 -0.12 -4.27
CA GLY B 249 -3.68 -1.48 -3.81
C GLY B 249 -4.78 -2.24 -4.53
N PHE B 250 -4.67 -3.58 -4.52
CA PHE B 250 -5.70 -4.43 -5.11
C PHE B 250 -6.43 -4.98 -3.90
N GLY B 251 -7.75 -4.93 -3.93
CA GLY B 251 -8.52 -5.46 -2.81
C GLY B 251 -9.70 -6.27 -3.30
N ILE B 252 -10.29 -7.05 -2.42
CA ILE B 252 -11.45 -7.86 -2.76
C ILE B 252 -12.65 -6.92 -2.75
N GLY B 253 -13.43 -6.91 -3.82
CA GLY B 253 -14.59 -6.03 -3.87
C GLY B 253 -15.86 -6.69 -3.37
N MET B 254 -16.64 -5.94 -2.60
CA MET B 254 -17.90 -6.43 -2.03
C MET B 254 -18.92 -5.29 -2.04
N ARG B 255 -20.20 -5.63 -1.98
CA ARG B 255 -21.22 -4.59 -1.94
C ARG B 255 -21.09 -3.90 -0.58
N LYS B 256 -21.54 -2.65 -0.50
CA LYS B 256 -21.44 -1.90 0.75
C LYS B 256 -22.05 -2.65 1.94
N ASP B 257 -21.48 -2.41 3.11
CA ASP B 257 -21.94 -3.04 4.36
C ASP B 257 -22.05 -4.55 4.32
N SER B 258 -21.09 -5.20 3.66
CA SER B 258 -21.10 -6.65 3.58
C SER B 258 -20.63 -7.26 4.89
N PRO B 259 -21.29 -8.33 5.33
CA PRO B 259 -20.92 -8.99 6.59
C PRO B 259 -19.58 -9.73 6.48
N TRP B 260 -19.05 -9.83 5.26
CA TRP B 260 -17.78 -10.53 5.03
C TRP B 260 -16.56 -9.63 5.09
N LYS B 261 -16.75 -8.35 4.81
CA LYS B 261 -15.66 -7.38 4.77
C LYS B 261 -14.64 -7.36 5.91
N GLN B 262 -15.10 -7.22 7.16
CA GLN B 262 -14.15 -7.16 8.28
C GLN B 262 -13.21 -8.37 8.34
N ASN B 263 -13.77 -9.58 8.29
CA ASN B 263 -12.92 -10.77 8.37
C ASN B 263 -12.06 -11.00 7.12
N VAL B 264 -12.52 -10.57 5.95
CA VAL B 264 -11.70 -10.73 4.76
C VAL B 264 -10.50 -9.81 4.96
N SER B 265 -10.78 -8.59 5.44
CA SER B 265 -9.74 -7.61 5.68
C SER B 265 -8.78 -8.08 6.78
N LEU B 266 -9.30 -8.63 7.86
CA LEU B 266 -8.44 -9.10 8.95
C LEU B 266 -7.54 -10.24 8.48
N SER B 267 -8.07 -11.13 7.65
CA SER B 267 -7.27 -12.24 7.14
C SER B 267 -6.14 -11.72 6.26
N ILE B 268 -6.45 -10.77 5.40
CA ILE B 268 -5.45 -10.21 4.50
C ILE B 268 -4.35 -9.50 5.29
N LEU B 269 -4.72 -8.69 6.28
CA LEU B 269 -3.72 -7.99 7.10
C LEU B 269 -2.84 -9.02 7.82
N LYS B 270 -3.48 -10.05 8.34
CA LYS B 270 -2.78 -11.12 9.03
C LYS B 270 -1.78 -11.78 8.07
N SER B 271 -2.20 -12.03 6.84
CA SER B 271 -1.32 -12.66 5.84
C SER B 271 -0.12 -11.81 5.45
N HIS B 272 -0.26 -10.49 5.52
CA HIS B 272 0.87 -9.61 5.20
C HIS B 272 1.85 -9.67 6.34
N GLU B 273 1.34 -9.94 7.54
CA GLU B 273 2.16 -9.96 8.74
C GLU B 273 2.78 -11.30 9.11
N ASN B 274 2.21 -12.40 8.62
CA ASN B 274 2.74 -13.71 8.97
C ASN B 274 3.50 -14.44 7.88
N GLY B 275 3.78 -13.75 6.77
CA GLY B 275 4.52 -14.36 5.68
C GLY B 275 3.72 -15.02 4.58
N PHE B 276 2.43 -15.23 4.80
CA PHE B 276 1.59 -15.87 3.80
C PHE B 276 1.59 -15.13 2.47
N MET B 277 1.41 -13.82 2.50
CA MET B 277 1.36 -13.04 1.27
C MET B 277 2.71 -13.04 0.56
N GLU B 278 3.81 -13.01 1.32
CA GLU B 278 5.14 -13.04 0.75
C GLU B 278 5.32 -14.39 0.05
N ASP B 279 4.80 -15.43 0.69
CA ASP B 279 4.87 -16.79 0.15
C ASP B 279 4.15 -16.86 -1.20
N LEU B 280 3.01 -16.19 -1.30
CA LEU B 280 2.28 -16.19 -2.57
C LEU B 280 3.09 -15.48 -3.66
N ASP B 281 3.72 -14.37 -3.30
CA ASP B 281 4.52 -13.64 -4.28
C ASP B 281 5.65 -14.52 -4.81
N LYS B 282 6.32 -15.24 -3.91
CA LYS B 282 7.43 -16.10 -4.30
C LYS B 282 6.93 -17.25 -5.18
N THR B 283 5.75 -17.76 -4.85
CA THR B 283 5.17 -18.87 -5.59
C THR B 283 4.75 -18.48 -7.01
N TRP B 284 4.15 -17.30 -7.16
CA TRP B 284 3.65 -16.89 -8.46
C TRP B 284 4.48 -15.92 -9.31
N VAL B 285 5.65 -15.52 -8.80
CA VAL B 285 6.52 -14.63 -9.55
C VAL B 285 7.99 -14.99 -9.31
#